data_6T6W
#
_entry.id   6T6W
#
_cell.length_a   62.940
_cell.length_b   89.460
_cell.length_c   61.200
_cell.angle_alpha   90.000
_cell.angle_beta   96.890
_cell.angle_gamma   90.000
#
_symmetry.space_group_name_H-M   'C 1 2 1'
#
loop_
_entity.id
_entity.type
_entity.pdbx_description
1 polymer 'Genome polyprotein'
2 polymer 'Genome polyprotein'
3 non-polymer '2-[4-(trifluoromethyl)phenyl]-1,3-thiazole-4-carboxylic acid'
4 non-polymer 'PHOSPHATE ION'
5 non-polymer 'DIMETHYL SULFOXIDE'
6 water water
#
loop_
_entity_poly.entity_id
_entity_poly.type
_entity_poly.pdbx_seq_one_letter_code
_entity_poly.pdbx_strand_id
1 'polypeptide(L)'
;APPTLWSRVTKFGSGWGFWVSPTVFITTTHVIPTSAKEFFGEPLTSIAIHRAGEFTLFRFSKKIRPDLTGMILEEGCPEG
TVCSVLIKRDSGELLPLAVRMGAIASMRIQGRLVHGQSGMLLTGANAKGMDLGTIPGDCGAPYVYKRANDWVVCGVHAAA
TKSGNTVVCAVQ
;
A
2 'polypeptide(L)'
;PPTLWSRVTKFGSGWGFWVSPTVFITTTHVIPTSAKEFFGEPLTSIAIHRAGEFTLFRFSKKIRPDLTGMILEEGCPEGT
VCSVLIKRDSGELLPLAVRMGAIASMRIQGRLVHGQSGMLLTGANAKGMDLGTIPGDCGAPYVYKRANDWVVCGVHAAAT
KSGNTVVCAVQA
;
B
#
loop_
_chem_comp.id
_chem_comp.type
_chem_comp.name
_chem_comp.formula
DMS non-polymer 'DIMETHYL SULFOXIDE' 'C2 H6 O S'
JL7 non-polymer '2-[4-(trifluoromethyl)phenyl]-1,3-thiazole-4-carboxylic acid' 'C11 H6 F3 N O2 S'
PO4 non-polymer 'PHOSPHATE ION' 'O4 P -3'
#
# COMPACT_ATOMS: atom_id res chain seq x y z
N ALA A 1 2.39 8.88 -4.54
CA ALA A 1 2.93 9.05 -5.94
C ALA A 1 2.15 10.18 -6.61
N PRO A 2 2.76 10.99 -7.52
CA PRO A 2 2.07 12.14 -8.11
C PRO A 2 0.79 11.78 -8.85
N PRO A 3 -0.25 12.64 -8.75
CA PRO A 3 -1.46 12.51 -9.56
C PRO A 3 -1.25 12.24 -11.06
N THR A 4 -0.25 12.84 -11.74
N THR A 4 -0.19 12.79 -11.63
CA THR A 4 -0.04 12.58 -13.20
CA THR A 4 0.10 12.70 -13.09
C THR A 4 0.24 11.07 -13.38
C THR A 4 0.50 11.26 -13.45
N LEU A 5 1.05 10.48 -12.50
CA LEU A 5 1.35 9.03 -12.68
C LEU A 5 0.06 8.21 -12.53
N TRP A 6 -0.81 8.50 -11.57
CA TRP A 6 -2.09 7.73 -11.40
C TRP A 6 -3.02 7.94 -12.61
N SER A 7 -3.00 9.15 -13.23
CA SER A 7 -3.85 9.52 -14.39
C SER A 7 -3.53 8.59 -15.56
N ARG A 8 -2.30 8.08 -15.64
CA ARG A 8 -1.81 7.28 -16.79
C ARG A 8 -2.23 5.80 -16.65
N VAL A 9 -2.66 5.38 -15.48
CA VAL A 9 -3.03 3.97 -15.21
C VAL A 9 -4.46 3.74 -15.70
N THR A 10 -4.64 2.89 -16.73
CA THR A 10 -5.92 2.69 -17.46
C THR A 10 -6.41 1.25 -17.28
N LYS A 11 -7.69 1.06 -16.93
CA LYS A 11 -8.28 -0.30 -16.89
C LYS A 11 -8.23 -0.85 -18.32
N PHE A 12 -7.75 -2.06 -18.50
CA PHE A 12 -7.44 -2.67 -19.83
C PHE A 12 -7.57 -4.18 -19.72
N GLY A 13 -8.48 -4.80 -20.49
CA GLY A 13 -8.66 -6.26 -20.54
C GLY A 13 -8.96 -6.81 -19.17
N SER A 14 -8.19 -7.81 -18.73
CA SER A 14 -8.35 -8.43 -17.38
C SER A 14 -7.45 -7.75 -16.35
N GLY A 15 -6.85 -6.62 -16.69
CA GLY A 15 -5.94 -5.88 -15.79
C GLY A 15 -5.86 -4.40 -16.11
N TRP A 16 -4.63 -3.89 -16.30
CA TRP A 16 -4.25 -2.47 -16.45
C TRP A 16 -3.21 -2.27 -17.57
N GLY A 17 -3.12 -1.05 -18.02
CA GLY A 17 -2.00 -0.51 -18.81
C GLY A 17 -1.67 0.91 -18.39
N PHE A 18 -0.64 1.46 -19.01
CA PHE A 18 0.04 2.71 -18.61
C PHE A 18 0.48 3.52 -19.85
N TRP A 19 0.04 4.76 -19.89
CA TRP A 19 0.42 5.75 -20.92
C TRP A 19 1.76 6.38 -20.54
N VAL A 20 2.79 6.00 -21.28
CA VAL A 20 4.17 6.59 -21.19
C VAL A 20 4.19 8.00 -21.82
N SER A 21 3.36 8.22 -22.80
CA SER A 21 3.30 9.48 -23.61
C SER A 21 1.92 9.55 -24.26
N PRO A 22 1.59 10.63 -24.99
CA PRO A 22 0.34 10.69 -25.74
C PRO A 22 0.09 9.58 -26.77
N THR A 23 1.14 8.94 -27.30
CA THR A 23 1.05 7.87 -28.34
C THR A 23 1.54 6.49 -27.86
N VAL A 24 2.08 6.34 -26.65
CA VAL A 24 2.71 5.05 -26.24
C VAL A 24 2.02 4.49 -25.00
N PHE A 25 1.56 3.25 -25.11
CA PHE A 25 0.81 2.52 -24.05
C PHE A 25 1.51 1.19 -23.85
N ILE A 26 1.85 0.87 -22.61
CA ILE A 26 2.47 -0.42 -22.24
C ILE A 26 1.52 -1.25 -21.37
N THR A 27 1.63 -2.57 -21.46
CA THR A 27 0.83 -3.48 -20.60
C THR A 27 1.46 -4.85 -20.54
N THR A 28 0.82 -5.76 -19.81
CA THR A 28 1.29 -7.14 -19.64
C THR A 28 0.58 -7.99 -20.68
N THR A 29 1.30 -8.75 -21.50
CA THR A 29 0.77 -9.41 -22.72
C THR A 29 -0.50 -10.21 -22.38
N HIS A 30 -0.49 -11.04 -21.33
CA HIS A 30 -1.65 -11.95 -21.06
C HIS A 30 -2.93 -11.19 -20.66
N VAL A 31 -2.92 -9.91 -20.26
CA VAL A 31 -4.20 -9.19 -19.96
C VAL A 31 -4.87 -8.70 -21.27
N ILE A 32 -4.20 -8.72 -22.41
CA ILE A 32 -4.75 -8.15 -23.69
C ILE A 32 -5.92 -9.04 -24.14
N PRO A 33 -7.09 -8.44 -24.40
CA PRO A 33 -8.23 -9.21 -24.91
C PRO A 33 -7.83 -9.78 -26.29
N THR A 34 -7.83 -11.13 -26.37
CA THR A 34 -7.24 -11.94 -27.46
C THR A 34 -8.00 -11.72 -28.80
N SER A 35 -9.31 -11.46 -28.80
CA SER A 35 -10.08 -11.26 -30.06
C SER A 35 -10.02 -9.80 -30.57
N ALA A 36 -9.36 -8.88 -29.86
CA ALA A 36 -9.58 -7.42 -30.05
C ALA A 36 -8.94 -6.92 -31.35
N LYS A 37 -9.66 -6.14 -32.14
CA LYS A 37 -9.17 -5.60 -33.44
C LYS A 37 -9.15 -4.07 -33.46
N GLU A 38 -9.52 -3.42 -32.36
CA GLU A 38 -9.71 -1.95 -32.24
C GLU A 38 -9.27 -1.50 -30.83
N PHE A 39 -8.39 -0.50 -30.71
CA PHE A 39 -7.94 0.05 -29.40
C PHE A 39 -8.10 1.58 -29.42
N PHE A 40 -8.84 2.12 -28.44
CA PHE A 40 -9.05 3.58 -28.25
C PHE A 40 -9.54 4.22 -29.59
N GLY A 41 -10.47 3.53 -30.28
CA GLY A 41 -11.03 3.98 -31.56
C GLY A 41 -10.16 3.73 -32.79
N GLU A 42 -8.95 3.16 -32.65
CA GLU A 42 -7.99 2.96 -33.77
C GLU A 42 -7.94 1.50 -34.16
N PRO A 43 -7.91 1.18 -35.49
CA PRO A 43 -7.68 -0.19 -35.95
C PRO A 43 -6.19 -0.57 -35.83
N LEU A 44 -5.90 -1.87 -35.72
CA LEU A 44 -4.52 -2.45 -35.67
C LEU A 44 -3.62 -1.79 -36.72
N THR A 45 -4.14 -1.70 -37.95
CA THR A 45 -3.59 -0.93 -39.12
C THR A 45 -2.88 0.33 -38.67
N SER A 46 -3.45 1.08 -37.73
CA SER A 46 -2.91 2.39 -37.27
C SER A 46 -1.99 2.23 -36.08
N ILE A 47 -1.63 1.00 -35.69
CA ILE A 47 -0.90 0.77 -34.41
C ILE A 47 0.33 -0.10 -34.64
N ALA A 48 1.49 0.33 -34.13
CA ALA A 48 2.75 -0.45 -34.03
C ALA A 48 2.84 -1.20 -32.69
N ILE A 49 2.73 -2.53 -32.72
CA ILE A 49 2.83 -3.46 -31.53
C ILE A 49 4.25 -4.06 -31.47
N HIS A 50 4.92 -3.91 -30.33
CA HIS A 50 6.25 -4.49 -30.00
C HIS A 50 6.08 -5.41 -28.79
N ARG A 51 6.25 -6.71 -28.98
CA ARG A 51 5.88 -7.74 -27.97
C ARG A 51 7.13 -8.56 -27.70
N ALA A 52 7.58 -8.58 -26.45
CA ALA A 52 8.68 -9.46 -25.95
C ALA A 52 8.22 -10.16 -24.66
N GLY A 53 7.82 -11.40 -24.80
CA GLY A 53 7.26 -12.22 -23.69
C GLY A 53 6.05 -11.54 -23.10
N GLU A 54 6.12 -11.19 -21.81
CA GLU A 54 5.00 -10.67 -21.00
C GLU A 54 4.93 -9.15 -21.06
N PHE A 55 5.87 -8.49 -21.76
CA PHE A 55 5.88 -7.02 -22.02
C PHE A 55 5.34 -6.72 -23.42
N THR A 56 4.34 -5.85 -23.52
CA THR A 56 3.78 -5.38 -24.83
C THR A 56 3.71 -3.85 -24.84
N LEU A 57 4.12 -3.25 -25.97
CA LEU A 57 4.11 -1.77 -26.18
C LEU A 57 3.33 -1.50 -27.46
N PHE A 58 2.30 -0.64 -27.34
CA PHE A 58 1.48 -0.14 -28.46
C PHE A 58 1.93 1.29 -28.75
N ARG A 59 2.29 1.55 -30.01
CA ARG A 59 2.58 2.92 -30.51
C ARG A 59 1.52 3.30 -31.56
N PHE A 60 0.79 4.38 -31.29
CA PHE A 60 -0.38 4.84 -32.08
C PHE A 60 0.12 5.87 -33.08
N SER A 61 -0.60 6.01 -34.19
N SER A 61 -0.58 6.00 -34.20
CA SER A 61 -0.30 6.92 -35.33
CA SER A 61 -0.30 6.93 -35.32
C SER A 61 -0.91 8.30 -35.09
C SER A 61 -0.74 8.35 -34.94
N LYS A 62 -1.68 8.46 -34.01
CA LYS A 62 -2.21 9.77 -33.51
C LYS A 62 -2.21 9.83 -31.97
N LYS A 63 -2.26 11.06 -31.44
CA LYS A 63 -2.26 11.34 -29.98
C LYS A 63 -3.57 10.88 -29.39
N ILE A 64 -3.50 9.83 -28.60
CA ILE A 64 -4.70 9.33 -27.90
C ILE A 64 -4.87 10.13 -26.60
N ARG A 65 -3.77 10.50 -25.92
CA ARG A 65 -3.80 11.16 -24.57
C ARG A 65 -2.98 12.44 -24.66
N PRO A 66 -3.48 13.47 -25.38
CA PRO A 66 -2.74 14.74 -25.53
C PRO A 66 -2.59 15.52 -24.21
N ASP A 67 -3.30 15.12 -23.15
CA ASP A 67 -3.21 15.77 -21.81
C ASP A 67 -1.86 15.43 -21.18
N LEU A 68 -1.20 14.36 -21.64
CA LEU A 68 0.04 13.85 -20.97
C LEU A 68 1.29 14.39 -21.66
N THR A 69 2.37 14.47 -20.90
CA THR A 69 3.76 14.66 -21.40
C THR A 69 4.44 13.28 -21.49
N GLY A 70 5.42 13.11 -22.39
CA GLY A 70 6.17 11.84 -22.50
C GLY A 70 7.10 11.75 -21.32
N MET A 71 7.22 10.56 -20.69
CA MET A 71 8.16 10.38 -19.55
C MET A 71 9.18 9.31 -19.92
N ILE A 72 10.17 9.07 -19.03
CA ILE A 72 11.23 8.07 -19.29
C ILE A 72 10.72 6.66 -18.96
N LEU A 73 10.84 5.75 -19.95
CA LEU A 73 10.70 4.27 -19.86
C LEU A 73 12.11 3.65 -19.97
N GLU A 74 12.52 2.92 -18.94
CA GLU A 74 13.79 2.18 -18.93
C GLU A 74 13.56 0.67 -18.87
N GLU A 75 14.59 -0.12 -19.22
CA GLU A 75 14.54 -1.61 -19.21
C GLU A 75 14.88 -2.11 -17.80
N GLY A 76 13.91 -2.14 -16.91
CA GLY A 76 14.14 -2.49 -15.49
C GLY A 76 14.92 -1.39 -14.81
N CYS A 77 15.49 -1.70 -13.64
CA CYS A 77 16.23 -0.72 -12.80
C CYS A 77 17.39 -1.42 -12.07
N PRO A 78 18.37 -0.66 -11.56
CA PRO A 78 19.49 -1.26 -10.85
C PRO A 78 18.96 -2.08 -9.67
N GLU A 79 19.56 -3.25 -9.48
CA GLU A 79 19.39 -4.07 -8.26
C GLU A 79 19.44 -3.14 -7.05
N GLY A 80 18.49 -3.34 -6.13
CA GLY A 80 18.42 -2.61 -4.84
C GLY A 80 17.57 -1.35 -4.87
N THR A 81 17.16 -0.89 -6.06
CA THR A 81 16.19 0.23 -6.20
C THR A 81 14.87 -0.17 -5.53
N VAL A 82 14.25 0.75 -4.77
CA VAL A 82 12.87 0.56 -4.23
C VAL A 82 11.90 1.21 -5.22
N CYS A 83 10.97 0.44 -5.75
CA CYS A 83 9.91 0.93 -6.65
C CYS A 83 8.57 0.99 -5.88
N SER A 84 7.61 1.70 -6.46
CA SER A 84 6.18 1.57 -6.13
C SER A 84 5.46 0.92 -7.32
N VAL A 85 4.62 -0.09 -7.06
CA VAL A 85 3.67 -0.67 -8.04
C VAL A 85 2.32 0.09 -7.90
N LEU A 86 1.82 0.72 -8.97
CA LEU A 86 0.67 1.66 -8.86
C LEU A 86 -0.61 0.89 -9.13
N ILE A 87 -1.14 0.39 -8.05
CA ILE A 87 -2.30 -0.55 -8.05
C ILE A 87 -3.59 0.16 -7.68
N LYS A 88 -4.60 0.10 -8.56
CA LYS A 88 -5.94 0.66 -8.25
C LYS A 88 -6.81 -0.50 -7.74
N ARG A 89 -7.54 -0.26 -6.65
CA ARG A 89 -8.47 -1.24 -6.04
C ARG A 89 -9.89 -0.67 -5.86
N ASP A 90 -10.80 -1.58 -5.54
CA ASP A 90 -12.26 -1.33 -5.51
C ASP A 90 -12.49 -0.07 -4.66
N SER A 91 -12.71 1.04 -5.38
CA SER A 91 -13.54 2.18 -4.93
C SER A 91 -12.77 3.50 -4.98
N GLY A 92 -11.96 3.76 -6.00
CA GLY A 92 -11.01 4.92 -5.96
C GLY A 92 -9.96 4.77 -4.85
N GLU A 93 -9.74 3.58 -4.30
CA GLU A 93 -8.53 3.38 -3.45
C GLU A 93 -7.29 3.17 -4.31
N LEU A 94 -6.21 3.82 -3.90
CA LEU A 94 -4.91 3.85 -4.58
C LEU A 94 -3.89 3.11 -3.69
N LEU A 95 -3.26 2.05 -4.21
CA LEU A 95 -2.36 1.20 -3.37
C LEU A 95 -0.96 1.16 -4.00
N PRO A 96 -0.07 2.12 -3.67
CA PRO A 96 1.31 2.10 -4.20
C PRO A 96 2.25 1.17 -3.39
N LEU A 97 2.32 -0.10 -3.79
CA LEU A 97 2.97 -1.14 -2.94
C LEU A 97 4.48 -0.97 -3.11
N ALA A 98 5.23 -0.94 -2.02
CA ALA A 98 6.70 -0.76 -2.04
C ALA A 98 7.38 -2.10 -2.35
N VAL A 99 8.27 -2.14 -3.34
N VAL A 99 8.42 -2.07 -3.19
CA VAL A 99 9.05 -3.37 -3.73
CA VAL A 99 9.05 -3.32 -3.71
C VAL A 99 10.54 -3.00 -3.77
C VAL A 99 10.56 -3.10 -3.89
N ARG A 100 11.39 -3.83 -3.15
CA ARG A 100 12.85 -3.82 -3.40
C ARG A 100 13.17 -4.72 -4.62
N MET A 101 13.79 -4.16 -5.65
CA MET A 101 14.01 -4.89 -6.92
C MET A 101 15.33 -5.68 -6.83
N GLY A 102 15.32 -6.85 -7.48
CA GLY A 102 16.47 -7.78 -7.57
C GLY A 102 16.90 -8.05 -9.00
N ALA A 103 17.38 -9.26 -9.25
CA ALA A 103 17.97 -9.69 -10.53
C ALA A 103 16.88 -9.97 -11.55
N ILE A 104 17.24 -9.92 -12.81
CA ILE A 104 16.51 -10.61 -13.91
C ILE A 104 16.43 -12.10 -13.57
N ALA A 105 15.24 -12.70 -13.59
CA ALA A 105 14.99 -14.09 -13.16
C ALA A 105 14.09 -14.80 -14.16
N SER A 106 14.29 -16.11 -14.30
CA SER A 106 13.30 -17.04 -14.90
C SER A 106 12.70 -17.91 -13.79
N MET A 107 11.36 -18.05 -13.75
CA MET A 107 10.62 -18.66 -12.64
C MET A 107 9.49 -19.52 -13.18
N ARG A 108 9.03 -20.48 -12.40
CA ARG A 108 7.74 -21.16 -12.65
C ARG A 108 6.78 -20.81 -11.53
N ILE A 109 5.67 -20.17 -11.88
CA ILE A 109 4.64 -19.67 -10.95
C ILE A 109 3.28 -20.22 -11.40
N GLN A 110 2.65 -20.99 -10.52
CA GLN A 110 1.37 -21.68 -10.76
C GLN A 110 1.48 -22.40 -12.11
N GLY A 111 2.63 -23.03 -12.38
CA GLY A 111 2.80 -23.93 -13.54
C GLY A 111 3.32 -23.24 -14.79
N ARG A 112 3.14 -21.91 -14.93
CA ARG A 112 3.54 -21.15 -16.13
C ARG A 112 4.97 -20.63 -15.99
N LEU A 113 5.63 -20.42 -17.10
CA LEU A 113 7.05 -19.99 -17.09
C LEU A 113 7.06 -18.48 -17.28
N VAL A 114 7.77 -17.80 -16.37
CA VAL A 114 7.75 -16.32 -16.24
C VAL A 114 9.20 -15.80 -16.28
N HIS A 115 9.42 -14.73 -17.03
CA HIS A 115 10.73 -14.05 -17.18
C HIS A 115 10.59 -12.54 -17.00
N GLY A 116 11.39 -11.98 -16.09
CA GLY A 116 11.49 -10.51 -15.93
C GLY A 116 12.33 -10.09 -14.73
N GLN A 117 12.10 -8.89 -14.20
CA GLN A 117 12.89 -8.42 -13.04
C GLN A 117 12.13 -8.77 -11.75
N SER A 118 12.78 -9.59 -10.91
CA SER A 118 12.23 -10.05 -9.64
C SER A 118 12.33 -8.90 -8.62
N GLY A 119 11.46 -8.94 -7.62
CA GLY A 119 11.40 -8.00 -6.50
C GLY A 119 10.82 -8.67 -5.27
N MET A 120 11.07 -8.08 -4.10
CA MET A 120 10.47 -8.51 -2.83
C MET A 120 9.63 -7.35 -2.24
N LEU A 121 8.35 -7.64 -1.99
CA LEU A 121 7.44 -6.66 -1.37
C LEU A 121 7.95 -6.28 0.01
N LEU A 122 7.80 -4.99 0.33
CA LEU A 122 8.18 -4.38 1.66
C LEU A 122 6.92 -3.94 2.40
N THR A 123 5.85 -4.73 2.32
CA THR A 123 4.52 -4.39 2.93
C THR A 123 4.24 -5.18 4.23
N GLY A 124 4.91 -6.31 4.46
CA GLY A 124 4.61 -7.21 5.60
C GLY A 124 5.51 -8.44 5.61
N ALA A 125 5.37 -9.33 6.60
CA ALA A 125 6.17 -10.58 6.75
C ALA A 125 6.02 -11.48 5.51
N ASN A 126 4.76 -11.75 5.12
CA ASN A 126 4.40 -12.26 3.77
C ASN A 126 3.21 -11.43 3.28
N ALA A 127 2.98 -11.48 1.99
CA ALA A 127 2.01 -10.58 1.33
C ALA A 127 0.88 -11.44 0.73
N LYS A 128 0.55 -12.55 1.39
CA LYS A 128 -0.57 -13.44 0.98
C LYS A 128 -1.87 -12.64 1.15
N GLY A 129 -2.71 -12.52 0.11
CA GLY A 129 -3.99 -11.79 0.26
C GLY A 129 -3.95 -10.37 -0.28
N MET A 130 -5.14 -9.78 -0.42
CA MET A 130 -5.34 -8.49 -1.14
C MET A 130 -4.95 -7.28 -0.27
N ASP A 131 -4.79 -7.43 1.06
CA ASP A 131 -4.60 -6.26 1.97
C ASP A 131 -3.14 -5.76 1.91
N LEU A 132 -2.17 -6.67 1.83
CA LEU A 132 -0.72 -6.36 1.85
C LEU A 132 -0.01 -6.73 0.54
N GLY A 133 -0.66 -7.47 -0.35
CA GLY A 133 -0.02 -8.02 -1.57
C GLY A 133 -0.85 -7.89 -2.82
N THR A 134 -0.40 -8.50 -3.92
CA THR A 134 -1.03 -8.42 -5.26
C THR A 134 -2.08 -9.54 -5.44
N ILE A 135 -2.93 -9.31 -6.41
CA ILE A 135 -4.03 -10.21 -6.89
C ILE A 135 -3.93 -10.28 -8.42
N PRO A 136 -4.50 -11.33 -9.06
CA PRO A 136 -4.34 -11.50 -10.51
C PRO A 136 -4.80 -10.27 -11.32
N GLY A 137 -5.79 -9.53 -10.81
CA GLY A 137 -6.37 -8.34 -11.46
C GLY A 137 -5.42 -7.14 -11.49
N ASP A 138 -4.29 -7.22 -10.77
CA ASP A 138 -3.32 -6.09 -10.71
C ASP A 138 -2.37 -6.15 -11.91
N CYS A 139 -2.38 -7.23 -12.69
CA CYS A 139 -1.40 -7.40 -13.80
C CYS A 139 -1.50 -6.24 -14.81
N GLY A 140 -0.34 -5.74 -15.23
CA GLY A 140 -0.25 -4.52 -16.07
C GLY A 140 0.05 -3.25 -15.30
N ALA A 141 -0.09 -3.22 -13.96
CA ALA A 141 0.18 -2.02 -13.13
C ALA A 141 1.65 -1.66 -13.25
N PRO A 142 1.98 -0.37 -13.37
CA PRO A 142 3.38 0.02 -13.57
C PRO A 142 4.26 0.01 -12.34
N TYR A 143 5.56 -0.25 -12.57
CA TYR A 143 6.62 -0.16 -11.55
C TYR A 143 7.32 1.19 -11.80
N VAL A 144 7.29 2.09 -10.81
CA VAL A 144 7.85 3.47 -10.92
C VAL A 144 8.76 3.79 -9.74
N TYR A 145 9.72 4.70 -9.95
CA TYR A 145 10.58 5.24 -8.88
C TYR A 145 11.04 6.64 -9.30
N LYS A 146 11.40 7.37 -8.27
CA LYS A 146 11.87 8.75 -8.41
C LYS A 146 13.39 8.76 -8.42
N ARG A 147 14.01 9.45 -9.36
CA ARG A 147 15.49 9.53 -9.38
C ARG A 147 15.89 10.98 -9.55
N ALA A 148 16.54 11.51 -8.51
CA ALA A 148 16.71 12.95 -8.23
C ALA A 148 15.34 13.57 -8.43
N ASN A 149 15.21 14.37 -9.48
CA ASN A 149 14.09 15.33 -9.61
C ASN A 149 13.00 14.83 -10.56
N ASP A 150 13.08 13.61 -11.11
CA ASP A 150 11.97 13.09 -11.95
C ASP A 150 11.62 11.61 -11.67
N TRP A 151 10.51 11.17 -12.27
CA TRP A 151 9.97 9.79 -12.13
C TRP A 151 10.24 8.96 -13.39
N VAL A 152 10.61 7.70 -13.19
CA VAL A 152 10.96 6.69 -14.22
C VAL A 152 9.90 5.58 -14.11
N VAL A 153 9.45 5.03 -15.24
CA VAL A 153 8.68 3.76 -15.32
C VAL A 153 9.62 2.68 -15.83
N CYS A 154 9.69 1.50 -15.21
CA CYS A 154 10.69 0.50 -15.66
C CYS A 154 10.09 -0.90 -15.88
N GLY A 155 8.75 -1.03 -15.88
CA GLY A 155 8.08 -2.29 -16.26
C GLY A 155 6.62 -2.37 -15.80
N VAL A 156 6.04 -3.55 -15.96
CA VAL A 156 4.57 -3.82 -15.74
C VAL A 156 4.46 -5.12 -14.94
N HIS A 157 3.49 -5.16 -14.02
CA HIS A 157 3.28 -6.31 -13.10
C HIS A 157 2.92 -7.54 -13.93
N ALA A 158 3.70 -8.63 -13.82
CA ALA A 158 3.43 -9.84 -14.62
C ALA A 158 3.00 -11.00 -13.73
N ALA A 159 3.57 -11.12 -12.53
CA ALA A 159 3.31 -12.34 -11.73
C ALA A 159 3.68 -12.16 -10.27
N ALA A 160 3.13 -13.05 -9.42
CA ALA A 160 3.53 -13.14 -8.01
C ALA A 160 3.43 -14.56 -7.50
N THR A 161 4.36 -14.91 -6.61
CA THR A 161 4.38 -16.25 -5.98
C THR A 161 3.19 -16.44 -5.05
N LYS A 162 2.90 -17.72 -4.78
CA LYS A 162 1.85 -18.22 -3.86
C LYS A 162 1.99 -17.55 -2.48
N SER A 163 3.17 -17.50 -1.89
CA SER A 163 3.40 -16.81 -0.59
C SER A 163 3.09 -15.33 -0.77
N GLY A 164 3.27 -14.84 -1.99
CA GLY A 164 3.02 -13.43 -2.32
C GLY A 164 4.26 -12.56 -2.16
N ASN A 165 5.26 -12.97 -1.36
CA ASN A 165 6.48 -12.13 -1.11
C ASN A 165 7.18 -11.67 -2.41
N THR A 166 7.35 -12.57 -3.38
CA THR A 166 8.12 -12.32 -4.63
C THR A 166 7.15 -11.86 -5.75
N VAL A 167 7.54 -10.80 -6.45
CA VAL A 167 6.76 -10.33 -7.65
C VAL A 167 7.72 -10.29 -8.85
N VAL A 168 7.17 -10.32 -10.07
CA VAL A 168 7.95 -10.15 -11.33
C VAL A 168 7.38 -9.01 -12.16
N CYS A 169 8.26 -8.11 -12.57
CA CYS A 169 8.02 -6.97 -13.46
C CYS A 169 8.48 -7.38 -14.87
N ALA A 170 7.58 -7.42 -15.85
CA ALA A 170 8.03 -7.63 -17.24
C ALA A 170 8.67 -6.33 -17.73
N VAL A 171 9.77 -6.45 -18.46
CA VAL A 171 10.67 -5.33 -18.89
C VAL A 171 10.78 -5.28 -20.42
N GLN A 172 10.95 -4.08 -20.96
CA GLN A 172 11.26 -3.81 -22.37
C GLN A 172 12.59 -4.49 -22.67
N PRO B 1 -16.57 -9.56 1.09
CA PRO B 1 -15.99 -8.18 1.02
C PRO B 1 -15.72 -7.53 2.38
N PRO B 2 -14.80 -8.06 3.22
CA PRO B 2 -14.54 -7.55 4.58
C PRO B 2 -13.28 -6.75 5.00
N THR B 3 -12.37 -6.39 4.09
CA THR B 3 -11.00 -5.82 4.31
C THR B 3 -10.67 -5.24 5.72
N LEU B 4 -9.42 -5.42 6.15
CA LEU B 4 -8.78 -4.66 7.26
C LEU B 4 -8.88 -3.16 7.00
N TRP B 5 -8.66 -2.74 5.76
CA TRP B 5 -8.62 -1.31 5.38
C TRP B 5 -9.93 -0.59 5.74
N SER B 6 -11.10 -1.24 5.68
CA SER B 6 -12.35 -0.50 6.04
C SER B 6 -12.35 -0.13 7.52
N ARG B 7 -11.50 -0.74 8.34
CA ARG B 7 -11.46 -0.46 9.78
C ARG B 7 -10.68 0.80 10.10
N VAL B 8 -9.85 1.27 9.19
CA VAL B 8 -9.02 2.49 9.41
C VAL B 8 -9.85 3.75 9.04
N THR B 9 -10.03 4.67 9.98
CA THR B 9 -11.06 5.74 9.97
C THR B 9 -10.38 7.06 10.32
N LYS B 10 -10.63 8.11 9.55
CA LYS B 10 -10.16 9.46 9.88
C LYS B 10 -10.75 9.88 11.24
N PHE B 11 -9.92 10.40 12.13
CA PHE B 11 -10.34 10.77 13.51
C PHE B 11 -9.43 11.87 14.06
N GLY B 12 -10.01 12.96 14.56
CA GLY B 12 -9.27 14.07 15.17
C GLY B 12 -8.20 14.59 14.21
N SER B 13 -6.97 14.75 14.68
CA SER B 13 -5.84 15.20 13.83
C SER B 13 -5.11 14.00 13.21
N GLY B 14 -5.63 12.77 13.34
CA GLY B 14 -5.01 11.58 12.69
C GLY B 14 -6.04 10.52 12.30
N TRP B 15 -5.91 9.31 12.85
CA TRP B 15 -6.63 8.09 12.42
C TRP B 15 -6.93 7.24 13.67
N GLY B 16 -7.80 6.27 13.50
CA GLY B 16 -8.01 5.16 14.44
C GLY B 16 -8.51 3.88 13.76
N PHE B 17 -8.77 2.82 14.53
CA PHE B 17 -9.00 1.48 14.01
C PHE B 17 -10.12 0.80 14.82
N TRP B 18 -11.14 0.31 14.10
CA TRP B 18 -12.25 -0.52 14.66
C TRP B 18 -11.76 -1.95 14.86
N VAL B 19 -11.61 -2.30 16.12
CA VAL B 19 -11.25 -3.68 16.56
C VAL B 19 -12.49 -4.57 16.45
N SER B 20 -13.64 -4.02 16.74
CA SER B 20 -14.91 -4.75 16.75
C SER B 20 -16.02 -3.74 16.47
N PRO B 21 -17.29 -4.15 16.43
CA PRO B 21 -18.38 -3.19 16.22
C PRO B 21 -18.50 -2.10 17.30
N THR B 22 -17.98 -2.33 18.51
CA THR B 22 -18.13 -1.41 19.67
C THR B 22 -16.76 -0.90 20.17
N VAL B 23 -15.64 -1.37 19.60
CA VAL B 23 -14.30 -1.00 20.15
C VAL B 23 -13.47 -0.31 19.07
N PHE B 24 -13.02 0.90 19.42
CA PHE B 24 -12.18 1.80 18.59
C PHE B 24 -10.91 2.16 19.37
N ILE B 25 -9.75 2.02 18.74
CA ILE B 25 -8.44 2.40 19.34
C ILE B 25 -7.80 3.53 18.51
N THR B 26 -7.07 4.39 19.20
CA THR B 26 -6.38 5.56 18.56
C THR B 26 -5.21 6.03 19.43
N THR B 27 -4.45 7.01 18.92
CA THR B 27 -3.30 7.64 19.59
C THR B 27 -3.85 8.81 20.41
N THR B 28 -3.46 8.93 21.66
CA THR B 28 -4.09 9.88 22.62
C THR B 28 -4.02 11.31 22.08
N HIS B 29 -2.85 11.76 21.61
CA HIS B 29 -2.64 13.17 21.18
C HIS B 29 -3.51 13.58 19.99
N VAL B 30 -4.09 12.67 19.18
CA VAL B 30 -4.90 13.09 17.99
C VAL B 30 -6.37 13.30 18.39
N ILE B 31 -6.78 12.82 19.57
CA ILE B 31 -8.20 12.93 20.01
C ILE B 31 -8.54 14.40 20.23
N PRO B 32 -9.70 14.89 19.73
CA PRO B 32 -10.17 16.23 20.10
C PRO B 32 -10.28 16.47 21.61
N THR B 33 -9.90 17.67 22.05
CA THR B 33 -9.98 18.11 23.45
C THR B 33 -11.29 18.85 23.72
N SER B 34 -12.05 19.23 22.69
CA SER B 34 -13.44 19.74 22.82
C SER B 34 -14.43 18.84 22.05
N ALA B 35 -15.34 18.11 22.74
CA ALA B 35 -16.34 17.24 22.06
C ALA B 35 -17.51 16.89 22.98
N LYS B 36 -18.73 16.80 22.43
CA LYS B 36 -19.91 16.22 23.15
C LYS B 36 -20.32 14.86 22.59
N GLU B 37 -19.81 14.46 21.42
CA GLU B 37 -20.13 13.13 20.82
C GLU B 37 -18.98 12.66 19.92
N PHE B 38 -18.87 11.35 19.72
CA PHE B 38 -18.02 10.72 18.67
C PHE B 38 -18.87 9.75 17.86
N PHE B 39 -18.78 9.81 16.53
CA PHE B 39 -19.51 8.91 15.60
C PHE B 39 -21.01 8.92 15.92
N GLY B 40 -21.53 10.07 16.31
CA GLY B 40 -22.97 10.25 16.61
C GLY B 40 -23.37 9.79 18.00
N GLU B 41 -22.49 9.23 18.82
CA GLU B 41 -22.90 8.74 20.16
C GLU B 41 -22.49 9.78 21.19
N PRO B 42 -23.37 10.15 22.15
CA PRO B 42 -23.01 11.14 23.15
C PRO B 42 -21.83 10.63 24.00
N LEU B 43 -20.92 11.53 24.32
CA LEU B 43 -19.70 11.16 25.07
C LEU B 43 -20.11 10.52 26.40
N THR B 44 -21.29 10.87 26.93
CA THR B 44 -21.91 10.25 28.14
C THR B 44 -21.86 8.73 28.12
N SER B 45 -22.07 8.12 26.95
CA SER B 45 -22.30 6.67 26.83
C SER B 45 -21.00 5.94 26.42
N ILE B 46 -19.86 6.64 26.39
CA ILE B 46 -18.56 6.05 25.90
C ILE B 46 -17.61 5.88 27.09
N ALA B 47 -17.06 4.67 27.25
CA ALA B 47 -15.99 4.33 28.21
C ALA B 47 -14.65 4.63 27.53
N ILE B 48 -13.82 5.45 28.18
CA ILE B 48 -12.49 5.86 27.66
C ILE B 48 -11.43 5.32 28.61
N HIS B 49 -10.58 4.40 28.09
CA HIS B 49 -9.42 3.77 28.78
C HIS B 49 -8.14 4.29 28.13
N ARG B 50 -7.44 5.16 28.84
CA ARG B 50 -6.19 5.77 28.34
C ARG B 50 -5.02 5.16 29.13
N ALA B 51 -3.94 4.87 28.42
CA ALA B 51 -2.61 4.49 28.95
C ALA B 51 -1.53 5.15 28.10
N GLY B 52 -0.99 6.28 28.58
CA GLY B 52 -0.02 7.10 27.82
C GLY B 52 -0.59 7.48 26.44
N GLU B 53 0.11 7.12 25.35
CA GLU B 53 -0.30 7.44 23.96
C GLU B 53 -1.26 6.41 23.35
N PHE B 54 -1.73 5.42 24.10
CA PHE B 54 -2.75 4.44 23.64
C PHE B 54 -4.10 4.79 24.29
N THR B 55 -5.16 4.97 23.49
CA THR B 55 -6.55 5.18 24.00
C THR B 55 -7.47 4.16 23.33
N LEU B 56 -8.30 3.50 24.15
CA LEU B 56 -9.39 2.60 23.70
C LEU B 56 -10.74 3.21 24.09
N PHE B 57 -11.63 3.33 23.11
CA PHE B 57 -13.06 3.67 23.29
C PHE B 57 -13.94 2.41 23.22
N ARG B 58 -14.84 2.21 24.18
CA ARG B 58 -15.88 1.15 24.16
CA ARG B 58 -15.89 1.16 24.07
C ARG B 58 -17.27 1.83 24.07
N PHE B 59 -17.97 1.69 22.94
CA PHE B 59 -19.30 2.32 22.71
C PHE B 59 -20.41 1.48 23.33
N SER B 60 -21.58 2.07 23.60
CA SER B 60 -22.71 1.37 24.27
C SER B 60 -23.66 0.77 23.22
N LYS B 61 -23.50 1.08 21.93
CA LYS B 61 -24.18 0.31 20.85
C LYS B 61 -23.22 0.03 19.69
N LYS B 62 -23.66 -0.83 18.77
CA LYS B 62 -22.84 -1.25 17.61
C LYS B 62 -22.76 -0.09 16.62
N ILE B 63 -21.56 0.45 16.46
CA ILE B 63 -21.33 1.56 15.49
C ILE B 63 -20.99 0.95 14.13
N ARG B 64 -20.28 -0.17 14.08
CA ARG B 64 -19.82 -0.86 12.85
C ARG B 64 -20.28 -2.32 12.93
N PRO B 65 -21.62 -2.59 12.81
CA PRO B 65 -22.16 -3.94 12.92
C PRO B 65 -21.74 -4.83 11.75
N ASP B 66 -21.16 -4.24 10.69
CA ASP B 66 -20.62 -4.97 9.53
C ASP B 66 -19.31 -5.73 9.90
N LEU B 67 -18.65 -5.38 11.00
CA LEU B 67 -17.33 -5.98 11.36
C LEU B 67 -17.45 -7.18 12.31
N THR B 68 -16.52 -8.13 12.23
CA THR B 68 -16.26 -9.13 13.31
C THR B 68 -15.18 -8.61 14.27
N GLY B 69 -15.14 -9.19 15.48
CA GLY B 69 -14.17 -8.82 16.53
C GLY B 69 -12.82 -9.43 16.21
N MET B 70 -11.75 -8.67 16.36
CA MET B 70 -10.35 -9.08 16.07
C MET B 70 -9.55 -9.26 17.36
N ILE B 71 -8.44 -9.97 17.29
CA ILE B 71 -7.52 -10.11 18.46
C ILE B 71 -6.69 -8.82 18.65
N LEU B 72 -6.81 -8.19 19.81
CA LEU B 72 -5.96 -7.06 20.27
C LEU B 72 -5.00 -7.56 21.35
N GLU B 73 -3.70 -7.33 21.16
CA GLU B 73 -2.66 -7.75 22.15
C GLU B 73 -1.76 -6.56 22.48
N GLU B 74 -1.01 -6.70 23.59
CA GLU B 74 -0.13 -5.65 24.15
CA GLU B 74 -0.13 -5.66 24.16
C GLU B 74 1.24 -5.74 23.46
N GLY B 75 1.36 -5.17 22.29
CA GLY B 75 2.61 -5.28 21.51
C GLY B 75 2.74 -6.66 20.90
N CYS B 76 3.92 -7.01 20.42
CA CYS B 76 4.21 -8.33 19.77
C CYS B 76 5.63 -8.78 20.09
N PRO B 77 5.99 -10.08 19.86
CA PRO B 77 7.36 -10.53 20.13
C PRO B 77 8.42 -9.71 19.35
N GLU B 78 9.61 -9.52 19.88
CA GLU B 78 10.69 -8.84 19.12
C GLU B 78 11.02 -9.64 17.89
N GLY B 79 11.23 -8.94 16.79
CA GLY B 79 11.57 -9.53 15.48
C GLY B 79 10.36 -9.77 14.61
N THR B 80 9.14 -9.69 15.16
CA THR B 80 7.88 -9.74 14.35
C THR B 80 7.95 -8.64 13.28
N VAL B 81 7.71 -8.97 12.02
CA VAL B 81 7.49 -7.92 10.98
C VAL B 81 6.00 -7.59 10.90
N CYS B 82 5.63 -6.45 11.51
CA CYS B 82 4.26 -5.86 11.45
C CYS B 82 4.11 -5.02 10.19
N SER B 83 2.85 -4.74 9.86
CA SER B 83 2.45 -3.75 8.85
C SER B 83 1.75 -2.58 9.57
N VAL B 84 2.17 -1.35 9.29
CA VAL B 84 1.44 -0.13 9.73
C VAL B 84 0.48 0.24 8.56
N LEU B 85 -0.83 0.25 8.84
CA LEU B 85 -1.84 0.46 7.80
C LEU B 85 -2.14 1.97 7.67
N ILE B 86 -1.29 2.69 6.92
CA ILE B 86 -1.40 4.16 6.76
C ILE B 86 -2.46 4.52 5.69
N LYS B 87 -3.42 5.37 6.02
CA LYS B 87 -4.30 6.02 4.99
C LYS B 87 -3.87 7.47 4.82
N ARG B 88 -3.89 7.98 3.61
CA ARG B 88 -3.57 9.40 3.36
C ARG B 88 -4.80 10.10 2.79
N ASP B 89 -4.87 11.40 2.99
CA ASP B 89 -5.97 12.24 2.43
C ASP B 89 -5.94 12.24 0.89
N SER B 90 -4.81 11.93 0.27
CA SER B 90 -4.72 11.75 -1.22
C SER B 90 -5.65 10.65 -1.72
N GLY B 91 -5.96 9.66 -0.88
CA GLY B 91 -6.66 8.43 -1.28
C GLY B 91 -5.73 7.23 -1.30
N GLU B 92 -4.44 7.41 -1.01
CA GLU B 92 -3.47 6.29 -1.01
C GLU B 92 -3.62 5.48 0.28
N LEU B 93 -3.46 4.18 0.10
CA LEU B 93 -3.31 3.17 1.18
C LEU B 93 -1.87 2.69 1.11
N LEU B 94 -1.13 2.85 2.22
CA LEU B 94 0.34 2.61 2.25
C LEU B 94 0.68 1.59 3.32
N PRO B 95 0.61 0.26 3.10
CA PRO B 95 1.05 -0.65 4.15
C PRO B 95 2.58 -0.72 4.13
N LEU B 96 3.23 -0.38 5.23
CA LEU B 96 4.71 -0.45 5.34
C LEU B 96 5.18 -1.48 6.38
N ALA B 97 6.15 -2.31 6.00
CA ALA B 97 6.74 -3.34 6.89
C ALA B 97 7.61 -2.66 7.95
N VAL B 98 7.49 -3.13 9.19
CA VAL B 98 8.25 -2.58 10.35
C VAL B 98 8.73 -3.77 11.19
N ARG B 99 10.05 -3.88 11.40
CA ARG B 99 10.64 -4.92 12.29
C ARG B 99 10.57 -4.36 13.70
N MET B 100 9.92 -5.08 14.61
CA MET B 100 9.61 -4.56 15.96
C MET B 100 10.73 -5.01 16.91
N GLY B 101 11.01 -4.13 17.85
CA GLY B 101 12.00 -4.31 18.92
C GLY B 101 11.36 -4.20 20.28
N ALA B 102 12.10 -3.67 21.24
CA ALA B 102 11.74 -3.67 22.68
C ALA B 102 10.81 -2.52 23.02
N ILE B 103 10.05 -2.69 24.09
CA ILE B 103 9.34 -1.57 24.79
C ILE B 103 10.46 -0.64 25.31
N ALA B 104 10.24 0.66 25.21
CA ALA B 104 11.25 1.65 25.66
C ALA B 104 10.60 3.03 25.79
N SER B 105 11.23 3.92 26.54
CA SER B 105 10.97 5.37 26.48
C SER B 105 12.06 5.98 25.59
N MET B 106 11.66 6.62 24.50
CA MET B 106 12.72 7.03 23.57
C MET B 106 12.52 8.46 23.15
N ARG B 107 13.66 9.05 22.84
CA ARG B 107 13.81 10.47 22.46
C ARG B 107 13.51 10.58 20.97
N ILE B 108 12.36 11.18 20.61
CA ILE B 108 11.88 11.31 19.20
C ILE B 108 11.59 12.80 18.96
N GLN B 109 12.33 13.46 18.10
CA GLN B 109 12.24 14.95 17.98
C GLN B 109 12.56 15.49 19.38
N GLY B 110 11.71 16.33 19.98
CA GLY B 110 12.03 16.99 21.26
C GLY B 110 11.58 16.23 22.50
N ARG B 111 11.15 14.96 22.37
CA ARG B 111 10.10 14.41 23.28
C ARG B 111 10.34 12.94 23.65
N LEU B 112 9.91 12.59 24.86
CA LEU B 112 9.89 11.19 25.38
C LEU B 112 8.56 10.55 25.00
N VAL B 113 8.62 9.42 24.32
CA VAL B 113 7.44 8.60 23.95
C VAL B 113 7.64 7.17 24.43
N HIS B 114 6.67 6.60 25.14
CA HIS B 114 6.77 5.20 25.62
C HIS B 114 5.95 4.26 24.72
N GLY B 115 6.56 3.16 24.27
CA GLY B 115 5.90 2.09 23.49
C GLY B 115 6.90 1.14 22.86
N GLN B 116 6.47 0.39 21.85
CA GLN B 116 7.29 -0.63 21.15
C GLN B 116 8.01 0.07 19.99
N SER B 117 9.35 0.07 20.02
CA SER B 117 10.18 0.57 18.90
C SER B 117 10.06 -0.37 17.70
N GLY B 118 10.21 0.21 16.51
CA GLY B 118 10.43 -0.55 15.26
C GLY B 118 11.27 0.22 14.25
N MET B 119 11.76 -0.48 13.22
CA MET B 119 12.45 0.11 12.06
C MET B 119 11.75 -0.31 10.77
N LEU B 120 11.51 0.64 9.83
CA LEU B 120 10.89 0.30 8.53
C LEU B 120 11.85 -0.53 7.71
N LEU B 121 11.34 -1.46 6.92
CA LEU B 121 12.17 -2.30 5.99
C LEU B 121 12.51 -1.49 4.73
N THR B 122 11.87 -0.35 4.47
CA THR B 122 12.29 0.54 3.35
C THR B 122 13.62 1.25 3.68
N GLY B 128 13.96 1.40 4.96
CA GLY B 128 15.15 2.15 5.46
C GLY B 128 16.12 2.51 4.37
N MET B 129 9.23 9.64 -2.03
CA MET B 129 8.39 8.46 -2.42
C MET B 129 7.50 8.06 -1.23
N ASP B 130 6.46 7.25 -1.49
CA ASP B 130 5.54 6.63 -0.49
C ASP B 130 6.26 5.52 0.27
N LEU B 131 7.33 5.87 1.03
CA LEU B 131 8.18 4.84 1.67
C LEU B 131 8.34 5.06 3.17
N GLY B 132 7.79 6.12 3.77
CA GLY B 132 7.89 6.34 5.23
C GLY B 132 6.69 7.04 5.80
N THR B 133 6.68 7.29 7.11
CA THR B 133 5.53 7.94 7.79
C THR B 133 5.68 9.46 7.73
N ILE B 134 4.58 10.17 7.98
CA ILE B 134 4.50 11.65 8.19
C ILE B 134 3.70 11.90 9.47
N PRO B 135 3.79 13.09 10.14
CA PRO B 135 3.01 13.36 11.35
C PRO B 135 1.49 13.07 11.29
N GLY B 136 0.82 13.34 10.15
CA GLY B 136 -0.64 13.12 10.03
C GLY B 136 -1.06 11.65 10.04
N ASP B 137 -0.10 10.71 10.02
CA ASP B 137 -0.35 9.25 10.03
C ASP B 137 -0.66 8.72 11.45
N CYS B 138 -0.49 9.52 12.51
CA CYS B 138 -0.67 9.07 13.92
C CYS B 138 -2.08 8.48 14.15
N GLY B 139 -2.11 7.32 14.81
CA GLY B 139 -3.31 6.52 15.07
C GLY B 139 -3.45 5.32 14.13
N ALA B 140 -2.73 5.27 13.02
CA ALA B 140 -2.67 4.10 12.12
C ALA B 140 -2.33 2.85 12.92
N PRO B 141 -3.01 1.72 12.65
CA PRO B 141 -2.71 0.46 13.37
C PRO B 141 -1.46 -0.34 12.93
N TYR B 142 -0.82 -1.02 13.89
CA TYR B 142 0.21 -2.06 13.69
C TYR B 142 -0.47 -3.43 13.70
N VAL B 143 -0.35 -4.22 12.62
CA VAL B 143 -1.01 -5.54 12.49
C VAL B 143 0.00 -6.57 11.97
N TYR B 144 -0.30 -7.84 12.23
CA TYR B 144 0.46 -8.97 11.61
C TYR B 144 -0.42 -10.22 11.59
N LYS B 145 -0.10 -11.14 10.69
CA LYS B 145 -0.84 -12.41 10.54
C LYS B 145 -0.11 -13.50 11.33
N ARG B 146 -0.85 -14.23 12.13
CA ARG B 146 -0.39 -15.31 13.03
C ARG B 146 -1.39 -16.48 12.92
N ALA B 147 -0.93 -17.62 12.42
CA ALA B 147 -1.81 -18.68 11.86
C ALA B 147 -2.70 -18.02 10.78
N ASN B 148 -4.02 -18.08 10.97
CA ASN B 148 -5.06 -17.57 10.01
C ASN B 148 -5.67 -16.28 10.56
N ASP B 149 -5.09 -15.78 11.65
CA ASP B 149 -5.69 -14.69 12.45
C ASP B 149 -4.86 -13.44 12.18
N TRP B 150 -5.54 -12.30 11.97
CA TRP B 150 -4.93 -10.95 12.08
C TRP B 150 -4.89 -10.55 13.55
N VAL B 151 -3.75 -10.06 13.99
CA VAL B 151 -3.56 -9.51 15.35
C VAL B 151 -3.31 -8.01 15.22
N VAL B 152 -4.04 -7.18 15.98
CA VAL B 152 -3.67 -5.76 16.08
C VAL B 152 -2.89 -5.58 17.38
N CYS B 153 -1.74 -4.92 17.33
CA CYS B 153 -0.90 -4.85 18.56
C CYS B 153 -0.55 -3.43 18.99
N GLY B 154 -1.02 -2.37 18.29
CA GLY B 154 -0.92 -1.00 18.84
C GLY B 154 -1.24 0.04 17.78
N VAL B 155 -0.90 1.29 18.04
CA VAL B 155 -1.22 2.42 17.12
C VAL B 155 0.00 3.31 16.91
N HIS B 156 0.08 3.98 15.77
CA HIS B 156 1.29 4.80 15.43
C HIS B 156 1.32 6.07 16.32
N ALA B 157 2.34 6.27 17.16
CA ALA B 157 2.43 7.39 18.12
C ALA B 157 3.50 8.43 17.68
N ALA B 158 4.60 8.00 17.05
CA ALA B 158 5.75 8.91 16.74
C ALA B 158 6.75 8.30 15.74
N ALA B 159 7.58 9.15 15.12
CA ALA B 159 8.67 8.71 14.22
C ALA B 159 9.78 9.75 14.26
N THR B 160 11.00 9.32 14.01
CA THR B 160 12.18 10.21 13.88
C THR B 160 12.11 11.02 12.59
N LYS B 161 12.75 12.18 12.56
CA LYS B 161 12.90 13.04 11.35
C LYS B 161 13.43 12.15 10.21
N SER B 162 14.43 11.32 10.55
CA SER B 162 15.04 10.25 9.71
C SER B 162 13.96 9.44 9.00
N GLY B 163 12.89 9.10 9.70
CA GLY B 163 11.87 8.18 9.20
C GLY B 163 12.23 6.73 9.54
N ASN B 164 13.46 6.41 9.92
CA ASN B 164 13.86 4.99 10.19
C ASN B 164 13.06 4.41 11.39
N THR B 165 13.11 5.05 12.58
CA THR B 165 12.57 4.59 13.90
C THR B 165 11.17 5.16 14.13
N VAL B 166 10.27 4.27 14.52
CA VAL B 166 8.84 4.56 14.81
C VAL B 166 8.55 4.04 16.22
N VAL B 167 7.47 4.55 16.81
CA VAL B 167 6.96 4.05 18.11
C VAL B 167 5.50 3.67 17.96
N CYS B 168 5.20 2.42 18.33
CA CYS B 168 3.85 1.78 18.40
C CYS B 168 3.34 1.90 19.85
N ALA B 169 2.36 2.76 20.13
CA ALA B 169 1.77 2.87 21.48
C ALA B 169 1.01 1.57 21.77
N VAL B 170 1.13 1.00 22.96
CA VAL B 170 0.48 -0.33 23.26
C VAL B 170 -0.47 -0.26 24.46
N GLN B 171 -1.46 -1.18 24.49
CA GLN B 171 -2.44 -1.31 25.61
C GLN B 171 -1.66 -1.61 26.90
N ALA B 172 -2.10 -1.08 28.04
CA ALA B 172 -1.61 -1.43 29.40
C ALA B 172 -0.08 -1.46 29.45
C10 JL7 C . 0.21 -15.76 -16.89
C13 JL7 C . -2.09 -16.27 -18.34
C15 JL7 C . -3.52 -16.00 -16.30
O01 JL7 C . 4.61 -15.72 -22.43
C02 JL7 C . 3.46 -15.92 -22.04
O03 JL7 C . 2.47 -16.10 -22.89
C04 JL7 C . 3.11 -15.98 -20.60
C05 JL7 C . 3.97 -16.11 -19.54
S06 JL7 C . 3.09 -16.34 -18.09
C07 JL7 C . 1.61 -16.04 -18.94
N08 JL7 C . 1.77 -15.86 -20.24
C09 JL7 C . 0.31 -16.02 -18.26
C11 JL7 C . -1.02 -15.75 -16.25
C12 JL7 C . -2.18 -16.01 -16.99
C14 JL7 C . -0.86 -16.28 -18.97
F16 JL7 C . -3.85 -14.79 -15.86
F17 JL7 C . -4.50 -16.39 -17.09
F18 JL7 C . -3.58 -16.79 -15.24
P PO4 D . -7.98 -3.47 -0.87
O1 PO4 D . -9.09 -2.47 -0.46
O2 PO4 D . -6.58 -2.74 -0.84
O3 PO4 D . -8.25 -4.08 -2.29
O4 PO4 D . -7.97 -4.63 0.12
S DMS E . 19.38 -5.08 -14.26
O DMS E . 19.01 -6.11 -13.21
C1 DMS E . 19.94 -5.98 -15.68
C2 DMS E . 17.83 -4.49 -14.92
S DMS F . -8.47 11.15 26.99
O DMS F . -9.08 10.66 28.28
C1 DMS F . -7.76 9.75 26.15
C2 DMS F . -9.81 11.45 25.86
S DMS G . 3.04 -10.64 23.13
O DMS G . 3.67 -10.44 21.78
C1 DMS G . 2.83 -9.03 23.82
C2 DMS G . 1.32 -10.99 22.84
#